data_5H66
#
_entry.id   5H66
#
_cell.length_a   88.151
_cell.length_b   46.905
_cell.length_c   97.194
_cell.angle_alpha   90.000
_cell.angle_beta   112.650
_cell.angle_gamma   90.000
#
_symmetry.space_group_name_H-M   'P 1 21 1'
#
loop_
_entity.id
_entity.type
_entity.pdbx_description
1 polymer 'Chromosome partition protein Smc'
2 polymer 'Chromosome partition protein Smc'
3 polymer 'Segregation and condensation protein A'
4 water water
#
loop_
_entity_poly.entity_id
_entity_poly.type
_entity_poly.pdbx_seq_one_letter_code
_entity_poly.pdbx_strand_id
1 'polypeptide(L)'
;MFLKRLDVIGFKSFAERISVDFVKGVTAVVGPNGSGKSNITDAIRWVLGEQSARSLRGGKMEDIIFAGSDSRKRLNLAEV
TLTLDNDDHFLPIDFHEVSVTRRVYRSGESEFLINNQPCRLKDIIDLFMDSGLGKEAFSIISQGKVEEILSSKAEDRRSI
FEEAAGVLKYKTRKKKAENKLFETQDNLNRVEDILHELE
;
A
2 'polypeptide(L)'
;MRYKFLSEQKEDLTEAKNTLFQVIEEMDEEMTKRFNDTFVQIRSHFDQVFRSLFGGGRAELRLTDPNDLLHSGVEIIAQP
PGKKLQNLNLLSGGERALTAIALLFSILKVRPVPFCVLDQVEAALDEANVFRFAQYLKKYSSDTQFIVITHRKGTMEEAD
VLYGVTMQESGVSKVISVKLEETKEFVQ
;
B
3 'polypeptide(L)' GPHMRQDIPIEARMNEIVHSLKSRGTRINFMDLFPYEQKEHLVVTFLAVLELMKNQLVLIEQEHNFSDIYITGSESIHGA C
#
# COMPACT_ATOMS: atom_id res chain seq x y z
N MET A 1 -10.98 2.09 13.90
CA MET A 1 -9.56 2.39 13.89
C MET A 1 -9.24 3.24 12.68
N PHE A 2 -8.26 4.13 12.82
CA PHE A 2 -7.69 4.81 11.68
C PHE A 2 -6.30 5.28 12.06
N LEU A 3 -5.56 5.72 11.05
CA LEU A 3 -4.24 6.27 11.29
C LEU A 3 -4.35 7.69 11.84
N LYS A 4 -3.62 7.98 12.91
CA LYS A 4 -3.58 9.32 13.47
C LYS A 4 -2.39 10.12 12.98
N ARG A 5 -1.18 9.53 13.06
CA ARG A 5 0.03 10.31 12.91
C ARG A 5 1.16 9.39 12.44
N LEU A 6 1.98 9.90 11.54
CA LEU A 6 3.20 9.23 11.12
C LEU A 6 4.37 10.17 11.45
N ASP A 7 5.24 9.72 12.33
CA ASP A 7 6.44 10.46 12.68
C ASP A 7 7.63 9.72 12.08
N VAL A 8 8.49 10.46 11.39
CA VAL A 8 9.61 9.86 10.66
C VAL A 8 10.86 10.72 10.88
N ILE A 9 11.97 10.08 11.22
CA ILE A 9 13.27 10.75 11.34
C ILE A 9 14.36 9.84 10.81
N GLY A 10 15.20 10.36 9.91
CA GLY A 10 16.32 9.61 9.40
C GLY A 10 15.98 8.50 8.43
N PHE A 11 14.71 8.36 8.03
CA PHE A 11 14.29 7.30 7.12
C PHE A 11 14.37 7.84 5.70
N LYS A 12 15.18 7.17 4.87
CA LYS A 12 15.46 7.59 3.50
C LYS A 12 15.69 9.09 3.42
N SER A 13 14.82 9.82 2.70
CA SER A 13 15.05 11.23 2.43
C SER A 13 14.59 12.15 3.54
N PHE A 14 14.09 11.60 4.65
CA PHE A 14 13.54 12.41 5.73
C PHE A 14 14.59 12.65 6.80
N ALA A 15 15.61 13.44 6.44
CA ALA A 15 16.67 13.75 7.39
C ALA A 15 16.13 14.58 8.55
N GLU A 16 15.29 15.57 8.25
CA GLU A 16 14.59 16.33 9.29
C GLU A 16 13.33 15.59 9.73
N ARG A 17 13.02 15.70 11.02
CA ARG A 17 11.82 15.06 11.55
C ARG A 17 10.58 15.49 10.79
N ILE A 18 9.74 14.50 10.48
CA ILE A 18 8.50 14.70 9.75
C ILE A 18 7.36 14.18 10.60
N SER A 19 6.23 14.89 10.58
CA SER A 19 5.05 14.49 11.37
C SER A 19 3.81 14.76 10.53
N VAL A 20 3.21 13.70 9.99
CA VAL A 20 2.01 13.80 9.17
C VAL A 20 0.80 13.44 10.04
N ASP A 21 -0.11 14.40 10.22
CA ASP A 21 -1.39 14.17 10.88
C ASP A 21 -2.42 13.83 9.82
N PHE A 22 -2.91 12.60 9.83
CA PHE A 22 -3.93 12.20 8.87
C PHE A 22 -5.30 12.67 9.33
N VAL A 23 -6.15 12.99 8.37
CA VAL A 23 -7.56 13.22 8.67
C VAL A 23 -8.31 11.93 8.44
N LYS A 24 -9.55 11.86 8.95
CA LYS A 24 -10.32 10.62 8.85
C LYS A 24 -10.78 10.32 7.44
N GLY A 25 -10.85 11.32 6.57
CA GLY A 25 -11.37 11.17 5.22
C GLY A 25 -10.31 10.86 4.20
N VAL A 26 -10.00 11.81 3.31
CA VAL A 26 -8.99 11.60 2.28
C VAL A 26 -7.81 12.52 2.55
N THR A 27 -6.65 11.93 2.85
CA THR A 27 -5.39 12.65 2.90
C THR A 27 -4.60 12.38 1.63
N ALA A 28 -4.32 13.42 0.86
CA ALA A 28 -3.51 13.27 -0.35
C ALA A 28 -2.08 13.71 -0.06
N VAL A 29 -1.12 12.96 -0.62
CA VAL A 29 0.31 13.26 -0.48
C VAL A 29 0.85 13.49 -1.88
N VAL A 30 1.44 14.67 -2.10
CA VAL A 30 1.76 15.15 -3.44
C VAL A 30 3.13 15.83 -3.42
N GLY A 31 3.66 16.06 -4.61
CA GLY A 31 4.87 16.82 -4.76
C GLY A 31 5.70 16.37 -5.94
N PRO A 32 6.83 17.05 -6.17
CA PRO A 32 7.68 16.72 -7.32
C PRO A 32 8.07 15.25 -7.32
N ASN A 33 8.14 14.68 -8.51
CA ASN A 33 8.53 13.28 -8.64
C ASN A 33 9.93 13.09 -8.08
N GLY A 34 10.08 12.08 -7.21
CA GLY A 34 11.33 11.79 -6.56
C GLY A 34 11.64 12.63 -5.33
N SER A 35 10.79 13.57 -4.95
CA SER A 35 11.10 14.42 -3.81
C SER A 35 10.73 13.80 -2.47
N GLY A 36 10.21 12.57 -2.46
CA GLY A 36 10.01 11.83 -1.23
C GLY A 36 8.59 11.42 -0.94
N LYS A 37 7.58 11.83 -1.72
CA LYS A 37 6.21 11.48 -1.35
C LYS A 37 6.02 9.97 -1.30
N SER A 38 6.75 9.22 -2.15
CA SER A 38 6.61 7.77 -2.13
C SER A 38 7.31 7.13 -0.93
N ASN A 39 8.20 7.86 -0.26
CA ASN A 39 8.81 7.36 0.97
C ASN A 39 7.86 7.42 2.15
N ILE A 40 6.73 8.12 2.02
CA ILE A 40 5.68 8.01 3.01
C ILE A 40 5.11 6.59 3.04
N THR A 41 4.80 6.04 1.86
CA THR A 41 4.31 4.67 1.78
C THR A 41 5.36 3.69 2.28
N ASP A 42 6.62 3.92 1.95
CA ASP A 42 7.66 3.00 2.39
C ASP A 42 7.79 3.01 3.90
N ALA A 43 7.69 4.19 4.51
CA ALA A 43 7.79 4.27 5.96
C ALA A 43 6.65 3.53 6.63
N ILE A 44 5.43 3.62 6.07
CA ILE A 44 4.30 2.89 6.63
C ILE A 44 4.51 1.39 6.47
N ARG A 45 4.92 0.96 5.26
CA ARG A 45 5.22 -0.45 5.05
C ARG A 45 6.25 -0.94 6.05
N TRP A 46 7.29 -0.14 6.29
CA TRP A 46 8.41 -0.55 7.11
C TRP A 46 8.01 -0.72 8.56
N VAL A 47 7.30 0.26 9.12
CA VAL A 47 6.96 0.19 10.54
C VAL A 47 5.94 -0.91 10.81
N LEU A 48 5.18 -1.33 9.79
CA LEU A 48 4.25 -2.44 9.96
C LEU A 48 4.89 -3.79 9.73
N GLY A 49 6.18 -3.83 9.41
CA GLY A 49 6.90 -5.08 9.35
C GLY A 49 6.89 -5.77 8.00
N GLU A 50 6.47 -5.10 6.95
CA GLU A 50 6.36 -5.74 5.65
C GLU A 50 7.25 -5.02 4.66
N ASP A 63 20.05 0.49 3.66
CA ASP A 63 19.53 1.39 2.65
C ASP A 63 18.37 2.21 3.21
N ILE A 64 18.01 1.91 4.46
CA ILE A 64 16.87 2.57 5.09
C ILE A 64 17.26 3.93 5.66
N ILE A 65 18.47 4.03 6.20
CA ILE A 65 18.90 5.24 6.90
C ILE A 65 19.35 6.28 5.89
N PHE A 66 18.95 7.53 6.12
CA PHE A 66 19.46 8.64 5.34
C PHE A 66 20.97 8.52 5.13
N ALA A 67 21.39 8.58 3.87
CA ALA A 67 22.78 8.32 3.50
C ALA A 67 23.55 9.58 3.17
N GLY A 68 22.97 10.75 3.37
CA GLY A 68 23.71 11.98 3.20
C GLY A 68 23.28 12.75 1.96
N SER A 69 23.59 14.04 1.97
CA SER A 69 23.24 14.95 0.89
C SER A 69 24.41 15.89 0.67
N ASP A 70 24.18 16.95 -0.10
CA ASP A 70 25.22 17.97 -0.30
C ASP A 70 25.48 18.73 1.00
N SER A 71 24.44 19.04 1.76
CA SER A 71 24.55 19.83 2.97
C SER A 71 24.60 18.99 4.23
N ARG A 72 24.27 17.70 4.15
CA ARG A 72 24.15 16.85 5.33
C ARG A 72 24.98 15.59 5.18
N LYS A 73 25.50 15.12 6.30
CA LYS A 73 26.13 13.81 6.37
C LYS A 73 25.09 12.75 6.72
N ARG A 74 25.41 11.51 6.38
CA ARG A 74 24.51 10.40 6.67
C ARG A 74 24.19 10.34 8.16
N LEU A 75 23.01 9.82 8.48
CA LEU A 75 22.59 9.69 9.86
C LEU A 75 22.98 8.33 10.42
N ASN A 76 22.93 8.22 11.75
CA ASN A 76 23.29 7.00 12.45
C ASN A 76 22.09 6.12 12.74
N LEU A 77 20.88 6.60 12.51
CA LEU A 77 19.70 5.88 12.96
C LEU A 77 18.47 6.39 12.21
N ALA A 78 17.54 5.48 11.94
CA ALA A 78 16.25 5.83 11.37
C ALA A 78 15.16 5.35 12.32
N GLU A 79 14.13 6.18 12.50
CA GLU A 79 13.01 5.86 13.35
C GLU A 79 11.70 6.27 12.70
N VAL A 80 10.71 5.38 12.76
CA VAL A 80 9.35 5.65 12.32
C VAL A 80 8.41 5.25 13.45
N THR A 81 7.49 6.14 13.81
CA THR A 81 6.40 5.77 14.71
C THR A 81 5.07 6.06 14.04
N LEU A 82 4.20 5.07 14.03
CA LEU A 82 2.85 5.18 13.49
C LEU A 82 1.88 5.15 14.67
N THR A 83 1.08 6.20 14.82
CA THR A 83 0.08 6.28 15.87
C THR A 83 -1.30 6.01 15.30
N LEU A 84 -2.03 5.09 15.92
CA LEU A 84 -3.34 4.65 15.46
C LEU A 84 -4.39 4.90 16.53
N ASP A 85 -5.54 5.42 16.11
CA ASP A 85 -6.69 5.51 16.98
C ASP A 85 -7.30 4.12 17.10
N ASN A 86 -7.47 3.63 18.34
CA ASN A 86 -8.02 2.31 18.57
C ASN A 86 -9.29 2.36 19.44
N ASP A 87 -10.09 3.42 19.27
CA ASP A 87 -11.30 3.62 20.06
C ASP A 87 -12.27 2.45 19.93
N ASP A 88 -12.39 1.87 18.75
CA ASP A 88 -13.29 0.75 18.53
C ASP A 88 -12.64 -0.59 18.86
N HIS A 89 -11.45 -0.57 19.45
CA HIS A 89 -10.73 -1.80 19.80
C HIS A 89 -10.56 -2.73 18.61
N PHE A 90 -10.37 -2.15 17.42
CA PHE A 90 -10.10 -2.95 16.24
C PHE A 90 -8.82 -3.76 16.40
N LEU A 91 -7.79 -3.15 16.95
CA LEU A 91 -6.55 -3.86 17.23
C LEU A 91 -6.71 -4.58 18.57
N PRO A 92 -6.36 -5.88 18.65
CA PRO A 92 -6.54 -6.62 19.91
C PRO A 92 -5.51 -6.23 20.97
N ILE A 93 -5.64 -5.02 21.48
CA ILE A 93 -4.74 -4.52 22.51
C ILE A 93 -5.48 -3.45 23.27
N ASP A 94 -5.29 -3.44 24.59
CA ASP A 94 -6.15 -2.70 25.52
C ASP A 94 -5.63 -1.28 25.72
N PHE A 95 -5.53 -0.54 24.61
CA PHE A 95 -5.18 0.87 24.60
C PHE A 95 -6.11 1.62 23.67
N HIS A 96 -6.41 2.88 24.04
CA HIS A 96 -7.24 3.74 23.22
C HIS A 96 -6.48 4.28 22.02
N GLU A 97 -5.18 4.47 22.18
CA GLU A 97 -4.30 4.92 21.11
C GLU A 97 -3.13 3.96 21.08
N VAL A 98 -2.81 3.45 19.90
CA VAL A 98 -1.74 2.48 19.74
C VAL A 98 -0.60 3.15 19.00
N SER A 99 0.62 2.97 19.51
CA SER A 99 1.83 3.45 18.87
C SER A 99 2.69 2.26 18.50
N VAL A 100 3.17 2.23 17.27
CA VAL A 100 4.09 1.22 16.79
C VAL A 100 5.34 1.95 16.36
N THR A 101 6.48 1.52 16.90
CA THR A 101 7.77 2.16 16.63
C THR A 101 8.75 1.14 16.11
N ARG A 102 9.45 1.51 15.03
CA ARG A 102 10.55 0.71 14.50
C ARG A 102 11.79 1.60 14.37
N ARG A 103 12.93 1.08 14.81
CA ARG A 103 14.19 1.79 14.73
C ARG A 103 15.25 0.87 14.15
N VAL A 104 16.18 1.46 13.41
CA VAL A 104 17.32 0.71 12.90
C VAL A 104 18.56 1.59 13.04
N TYR A 105 19.63 1.01 13.56
CA TYR A 105 20.87 1.73 13.80
C TYR A 105 21.87 1.39 12.70
N ARG A 106 22.76 2.35 12.42
CA ARG A 106 23.89 2.17 11.51
C ARG A 106 24.59 0.83 11.74
N SER A 107 24.69 0.42 13.00
CA SER A 107 25.42 -0.79 13.36
C SER A 107 24.69 -2.07 13.02
N GLY A 108 23.44 -2.00 12.53
CA GLY A 108 22.65 -3.17 12.24
C GLY A 108 21.64 -3.53 13.30
N GLU A 109 21.75 -2.95 14.50
CA GLU A 109 20.79 -3.22 15.57
C GLU A 109 19.43 -2.65 15.23
N SER A 110 18.38 -3.34 15.65
CA SER A 110 17.01 -2.89 15.44
C SER A 110 16.23 -2.95 16.74
N GLU A 111 15.32 -1.99 16.91
CA GLU A 111 14.43 -1.93 18.06
C GLU A 111 12.99 -1.83 17.58
N PHE A 112 12.09 -2.47 18.31
CA PHE A 112 10.66 -2.46 18.01
C PHE A 112 9.92 -2.17 19.30
N LEU A 113 8.87 -1.36 19.21
CA LEU A 113 8.10 -1.00 20.38
C LEU A 113 6.62 -0.92 20.04
N ILE A 114 5.77 -1.31 20.99
CA ILE A 114 4.35 -1.06 20.94
C ILE A 114 3.99 -0.28 22.19
N ASN A 115 3.41 0.91 22.00
CA ASN A 115 3.11 1.84 23.10
C ASN A 115 4.30 1.99 24.03
N ASN A 116 5.48 2.17 23.43
CA ASN A 116 6.75 2.45 24.11
C ASN A 116 7.32 1.24 24.84
N GLN A 117 6.72 0.06 24.68
CA GLN A 117 7.22 -1.14 25.34
C GLN A 117 8.01 -1.98 24.33
N PRO A 118 9.28 -2.27 24.58
CA PRO A 118 10.06 -3.06 23.63
C PRO A 118 9.42 -4.41 23.34
N CYS A 119 9.43 -4.79 22.07
CA CYS A 119 8.87 -6.06 21.63
C CYS A 119 9.73 -6.56 20.47
N ARG A 120 9.28 -7.67 19.88
CA ARG A 120 9.90 -8.20 18.68
C ARG A 120 9.15 -7.70 17.45
N LEU A 121 9.80 -7.80 16.28
CA LEU A 121 9.10 -7.51 15.04
C LEU A 121 7.87 -8.39 14.89
N LYS A 122 8.01 -9.67 15.25
CA LYS A 122 6.89 -10.62 15.21
C LYS A 122 5.68 -10.11 16.00
N ASP A 123 5.91 -9.37 17.09
CA ASP A 123 4.78 -8.84 17.86
C ASP A 123 4.02 -7.78 17.09
N ILE A 124 4.71 -6.91 16.35
CA ILE A 124 4.01 -5.94 15.50
C ILE A 124 3.25 -6.68 14.40
N ILE A 125 3.93 -7.61 13.73
CA ILE A 125 3.32 -8.35 12.63
C ILE A 125 2.08 -9.11 13.13
N ASP A 126 2.20 -9.75 14.29
CA ASP A 126 1.08 -10.52 14.82
C ASP A 126 -0.07 -9.62 15.24
N LEU A 127 0.23 -8.44 15.78
CA LEU A 127 -0.84 -7.53 16.17
C LEU A 127 -1.73 -7.19 14.99
N PHE A 128 -1.12 -6.85 13.86
CA PHE A 128 -1.92 -6.48 12.70
C PHE A 128 -2.51 -7.69 12.00
N MET A 129 -1.78 -8.81 11.97
CA MET A 129 -2.33 -10.02 11.37
C MET A 129 -3.57 -10.48 12.14
N ASP A 130 -3.50 -10.44 13.47
CA ASP A 130 -4.63 -10.87 14.30
C ASP A 130 -5.84 -9.96 14.13
N SER A 131 -5.63 -8.69 13.80
CA SER A 131 -6.75 -7.79 13.58
C SER A 131 -7.37 -7.96 12.20
N GLY A 132 -6.80 -8.83 11.37
CA GLY A 132 -7.27 -9.02 10.02
C GLY A 132 -6.50 -8.25 8.97
N LEU A 133 -5.42 -7.57 9.34
CA LEU A 133 -4.63 -6.78 8.41
C LEU A 133 -3.27 -7.40 8.14
N GLY A 134 -3.23 -8.68 7.82
CA GLY A 134 -1.98 -9.35 7.49
C GLY A 134 -1.50 -9.04 6.09
N LYS A 135 -0.65 -9.95 5.59
CA LYS A 135 -0.08 -9.83 4.25
C LYS A 135 -1.15 -9.65 3.18
N GLU A 136 -2.25 -10.39 3.30
CA GLU A 136 -3.28 -10.43 2.26
C GLU A 136 -4.25 -9.27 2.33
N ALA A 137 -4.20 -8.44 3.37
CA ALA A 137 -5.14 -7.33 3.44
C ALA A 137 -4.75 -6.27 2.43
N PHE A 138 -5.76 -5.65 1.82
CA PHE A 138 -5.52 -4.60 0.83
C PHE A 138 -5.46 -3.22 1.47
N SER A 139 -4.76 -3.13 2.60
CA SER A 139 -4.58 -1.87 3.29
C SER A 139 -3.50 -1.01 2.67
N ILE A 140 -2.63 -1.57 1.83
CA ILE A 140 -1.72 -0.79 1.00
C ILE A 140 -1.82 -1.30 -0.42
N ILE A 141 -2.06 -0.41 -1.37
CA ILE A 141 -2.24 -0.81 -2.77
C ILE A 141 -1.36 0.10 -3.62
N SER A 142 -0.44 -0.49 -4.36
CA SER A 142 0.39 0.29 -5.27
C SER A 142 0.19 -0.21 -6.70
N GLN A 143 0.93 0.41 -7.64
CA GLN A 143 0.81 -0.01 -9.03
C GLN A 143 1.21 -1.47 -9.21
N GLY A 144 1.97 -2.05 -8.28
CA GLY A 144 2.30 -3.46 -8.38
C GLY A 144 1.08 -4.36 -8.47
N LYS A 145 0.05 -4.07 -7.67
CA LYS A 145 -1.15 -4.89 -7.72
C LYS A 145 -1.89 -4.71 -9.05
N VAL A 146 -1.91 -3.49 -9.59
CA VAL A 146 -2.50 -3.30 -10.91
C VAL A 146 -1.79 -4.17 -11.93
N GLU A 147 -0.45 -4.15 -11.88
CA GLU A 147 0.36 -4.99 -12.77
C GLU A 147 0.00 -6.47 -12.65
N GLU A 148 -0.20 -6.95 -11.42
CA GLU A 148 -0.56 -8.35 -11.22
C GLU A 148 -1.87 -8.68 -11.92
N ILE A 149 -2.86 -7.81 -11.75
CA ILE A 149 -4.16 -8.02 -12.37
C ILE A 149 -4.05 -7.98 -13.89
N LEU A 150 -3.20 -7.08 -14.41
CA LEU A 150 -3.12 -6.88 -15.85
C LEU A 150 -2.19 -7.85 -16.55
N SER A 151 -1.50 -8.71 -15.79
CA SER A 151 -0.56 -9.68 -16.35
C SER A 151 -1.21 -10.58 -17.40
N SER A 152 -0.41 -11.05 -18.35
CA SER A 152 -0.88 -12.07 -19.28
C SER A 152 -0.83 -13.48 -18.70
N LYS A 153 -0.22 -13.67 -17.54
CA LYS A 153 -0.09 -14.99 -16.94
C LYS A 153 -1.26 -15.21 -15.98
N ALA A 154 -2.04 -16.28 -16.19
CA ALA A 154 -3.25 -16.48 -15.41
C ALA A 154 -2.98 -16.58 -13.91
N GLU A 155 -1.82 -17.14 -13.54
CA GLU A 155 -1.54 -17.33 -12.12
C GLU A 155 -1.27 -16.01 -11.41
N ASP A 156 -0.79 -15.00 -12.14
CA ASP A 156 -0.53 -13.70 -11.52
C ASP A 156 -1.84 -13.05 -11.08
N ARG A 157 -2.87 -13.07 -11.93
CA ARG A 157 -4.16 -12.53 -11.55
C ARG A 157 -4.85 -13.41 -10.51
N ARG A 158 -4.71 -14.73 -10.63
CA ARG A 158 -5.31 -15.60 -9.62
C ARG A 158 -4.77 -15.29 -8.23
N SER A 159 -3.47 -14.95 -8.13
CA SER A 159 -2.87 -14.64 -6.84
C SER A 159 -3.60 -13.51 -6.12
N ILE A 160 -4.10 -12.51 -6.86
CA ILE A 160 -4.86 -11.43 -6.25
C ILE A 160 -6.17 -11.97 -5.66
N PHE A 161 -6.83 -12.88 -6.37
CA PHE A 161 -8.05 -13.50 -5.83
C PHE A 161 -7.75 -14.41 -4.65
N GLU A 162 -6.58 -15.01 -4.63
CA GLU A 162 -6.20 -15.83 -3.49
C GLU A 162 -5.95 -14.98 -2.25
N GLU A 163 -5.35 -13.79 -2.40
CA GLU A 163 -5.20 -12.89 -1.26
C GLU A 163 -6.56 -12.49 -0.71
N ALA A 164 -7.46 -12.09 -1.60
CA ALA A 164 -8.81 -11.73 -1.17
C ALA A 164 -9.47 -12.88 -0.41
N ALA A 165 -9.18 -14.11 -0.80
CA ALA A 165 -9.82 -15.27 -0.18
C ALA A 165 -9.12 -15.71 1.11
N GLY A 166 -8.00 -15.10 1.44
CA GLY A 166 -7.25 -15.41 2.66
C GLY A 166 -6.79 -16.86 2.72
N VAL A 167 -6.29 -17.39 1.62
CA VAL A 167 -5.88 -18.79 1.60
C VAL A 167 -4.40 -18.96 1.94
N LEU A 168 -3.68 -17.86 2.22
CA LEU A 168 -2.23 -17.99 2.40
C LEU A 168 -1.88 -18.95 3.53
N LYS A 169 -2.61 -18.89 4.64
CA LYS A 169 -2.22 -19.73 5.76
C LYS A 169 -2.43 -21.21 5.44
N TYR A 170 -3.46 -21.53 4.65
CA TYR A 170 -3.68 -22.90 4.21
C TYR A 170 -2.63 -23.35 3.20
N LYS A 171 -2.26 -22.47 2.26
CA LYS A 171 -1.22 -22.84 1.30
C LYS A 171 0.11 -23.06 2.01
N THR A 172 0.42 -22.22 2.99
CA THR A 172 1.69 -22.32 3.69
C THR A 172 1.75 -23.60 4.51
N ARG A 173 0.65 -23.92 5.18
CA ARG A 173 0.57 -25.15 5.97
C ARG A 173 0.66 -26.39 5.07
N LYS A 174 0.00 -26.36 3.92
CA LYS A 174 0.11 -27.46 2.95
C LYS A 174 1.56 -27.66 2.52
N LYS A 175 2.24 -26.57 2.14
CA LYS A 175 3.63 -26.67 1.74
C LYS A 175 4.52 -27.15 2.89
N LYS A 176 4.25 -26.69 4.11
CA LYS A 176 5.05 -27.15 5.25
C LYS A 176 4.91 -28.65 5.44
N ALA A 177 3.70 -29.19 5.28
CA ALA A 177 3.47 -30.62 5.40
C ALA A 177 4.12 -31.38 4.24
N GLU A 178 3.99 -30.86 3.02
CA GLU A 178 4.66 -31.48 1.87
C GLU A 178 6.17 -31.49 2.06
N ASN A 179 6.71 -30.44 2.68
CA ASN A 179 8.15 -30.40 2.90
C ASN A 179 8.57 -31.38 3.98
N LYS A 180 7.74 -31.54 5.01
CA LYS A 180 8.03 -32.50 6.07
C LYS A 180 8.08 -33.91 5.52
N LEU A 181 7.09 -34.27 4.68
CA LEU A 181 7.10 -35.59 4.03
C LEU A 181 8.36 -35.79 3.20
N PHE A 182 8.74 -34.80 2.40
CA PHE A 182 9.92 -34.95 1.57
C PHE A 182 11.18 -35.10 2.42
N GLU A 183 11.32 -34.27 3.44
CA GLU A 183 12.50 -34.31 4.27
C GLU A 183 12.61 -35.63 5.01
N THR A 184 11.46 -36.15 5.48
CA THR A 184 11.48 -37.42 6.19
C THR A 184 11.91 -38.55 5.27
N GLN A 185 11.42 -38.56 4.04
CA GLN A 185 11.82 -39.60 3.10
C GLN A 185 13.28 -39.44 2.70
N ASP A 186 13.74 -38.19 2.51
CA ASP A 186 15.13 -37.96 2.16
C ASP A 186 16.08 -38.43 3.26
N ASN A 187 15.73 -38.16 4.52
CA ASN A 187 16.55 -38.63 5.63
C ASN A 187 16.64 -40.15 5.64
N LEU A 188 15.51 -40.83 5.45
CA LEU A 188 15.52 -42.29 5.42
C LEU A 188 16.39 -42.81 4.27
N ASN A 189 16.27 -42.17 3.09
CA ASN A 189 17.10 -42.55 1.96
C ASN A 189 18.58 -42.40 2.29
N ARG A 190 18.95 -41.33 3.02
CA ARG A 190 20.35 -41.09 3.33
C ARG A 190 20.87 -42.10 4.34
N VAL A 191 20.04 -42.44 5.33
CA VAL A 191 20.43 -43.45 6.31
C VAL A 191 20.62 -44.81 5.65
N GLU A 192 19.67 -45.22 4.81
CA GLU A 192 19.77 -46.49 4.12
C GLU A 192 21.01 -46.55 3.24
N ASP A 193 21.42 -45.41 2.67
CA ASP A 193 22.63 -45.39 1.85
C ASP A 193 23.87 -45.61 2.68
N ILE A 194 23.96 -44.95 3.84
CA ILE A 194 25.08 -45.17 4.75
C ILE A 194 25.11 -46.64 5.20
N LEU A 195 23.95 -47.18 5.57
CA LEU A 195 23.89 -48.58 6.00
C LEU A 195 24.27 -49.54 4.88
N HIS A 196 23.99 -49.18 3.62
CA HIS A 196 24.34 -50.07 2.52
C HIS A 196 25.85 -50.14 2.32
N GLU A 197 26.54 -49.00 2.41
CA GLU A 197 28.00 -49.00 2.31
C GLU A 197 28.68 -49.64 3.51
N LEU A 198 27.91 -50.00 4.54
CA LEU A 198 28.44 -50.78 5.65
C LEU A 198 28.35 -52.28 5.42
N GLU A 199 27.49 -52.73 4.51
CA GLU A 199 27.31 -54.15 4.25
C GLU A 199 28.54 -54.77 3.57
N MET B 1 21.91 -57.23 7.03
CA MET B 1 21.48 -57.17 8.43
C MET B 1 20.42 -56.10 8.64
N ARG B 2 19.34 -56.46 9.32
CA ARG B 2 18.25 -55.54 9.61
C ARG B 2 18.49 -54.84 10.95
N TYR B 3 18.02 -53.60 11.06
CA TYR B 3 18.20 -52.82 12.28
C TYR B 3 16.86 -52.38 12.83
N LYS B 4 16.72 -52.50 14.16
CA LYS B 4 15.50 -52.04 14.82
C LYS B 4 15.29 -50.55 14.62
N PHE B 5 16.35 -49.74 14.80
CA PHE B 5 16.18 -48.30 14.68
C PHE B 5 15.75 -47.90 13.28
N LEU B 6 16.18 -48.65 12.26
CA LEU B 6 15.75 -48.38 10.90
C LEU B 6 14.29 -48.78 10.71
N SER B 7 13.91 -49.96 11.22
CA SER B 7 12.52 -50.37 11.16
C SER B 7 11.61 -49.35 11.84
N GLU B 8 12.07 -48.78 12.96
CA GLU B 8 11.26 -47.78 13.65
C GLU B 8 11.17 -46.49 12.85
N GLN B 9 12.28 -46.08 12.23
CA GLN B 9 12.25 -44.89 11.36
C GLN B 9 11.27 -45.07 10.21
N LYS B 10 11.20 -46.28 9.65
CA LYS B 10 10.27 -46.52 8.55
C LYS B 10 8.83 -46.49 9.05
N GLU B 11 8.56 -47.09 10.21
CA GLU B 11 7.23 -47.04 10.80
C GLU B 11 6.81 -45.60 11.10
N ASP B 12 7.73 -44.80 11.64
CA ASP B 12 7.42 -43.41 11.94
C ASP B 12 7.10 -42.63 10.67
N LEU B 13 7.86 -42.86 9.60
CA LEU B 13 7.54 -42.23 8.32
C LEU B 13 6.11 -42.55 7.90
N THR B 14 5.78 -43.84 7.88
CA THR B 14 4.44 -44.27 7.48
C THR B 14 3.37 -43.62 8.34
N GLU B 15 3.62 -43.52 9.64
CA GLU B 15 2.67 -42.90 10.55
C GLU B 15 2.50 -41.41 10.28
N ALA B 16 3.61 -40.69 10.11
CA ALA B 16 3.52 -39.27 9.81
C ALA B 16 2.80 -39.04 8.49
N LYS B 17 3.05 -39.89 7.50
CA LYS B 17 2.39 -39.77 6.20
C LYS B 17 0.87 -39.84 6.32
N ASN B 18 0.38 -40.73 7.19
CA ASN B 18 -1.07 -40.88 7.35
C ASN B 18 -1.72 -39.58 7.83
N THR B 19 -1.09 -38.90 8.79
CA THR B 19 -1.63 -37.66 9.31
C THR B 19 -1.38 -36.48 8.37
N LEU B 20 -0.18 -36.38 7.80
CA LEU B 20 0.13 -35.23 6.96
C LEU B 20 -0.69 -35.22 5.66
N PHE B 21 -1.00 -36.40 5.10
CA PHE B 21 -1.90 -36.44 3.96
C PHE B 21 -3.25 -35.82 4.29
N GLN B 22 -3.74 -36.04 5.52
CA GLN B 22 -5.01 -35.47 5.93
C GLN B 22 -4.93 -33.96 6.06
N VAL B 23 -3.79 -33.45 6.54
CA VAL B 23 -3.58 -32.01 6.57
C VAL B 23 -3.61 -31.46 5.14
N ILE B 24 -2.82 -32.05 4.25
CA ILE B 24 -2.75 -31.57 2.87
C ILE B 24 -4.15 -31.60 2.24
N GLU B 25 -4.90 -32.68 2.46
CA GLU B 25 -6.25 -32.78 1.91
C GLU B 25 -7.15 -31.67 2.43
N GLU B 26 -7.09 -31.40 3.73
CA GLU B 26 -7.94 -30.36 4.27
C GLU B 26 -7.52 -28.98 3.78
N MET B 27 -6.21 -28.76 3.62
CA MET B 27 -5.76 -27.48 3.08
C MET B 27 -6.31 -27.25 1.68
N ASP B 28 -6.28 -28.29 0.83
CA ASP B 28 -6.87 -28.18 -0.49
C ASP B 28 -8.36 -27.87 -0.40
N GLU B 29 -9.06 -28.48 0.56
CA GLU B 29 -10.49 -28.20 0.69
C GLU B 29 -10.74 -26.76 1.12
N GLU B 30 -9.91 -26.24 2.03
CA GLU B 30 -10.10 -24.87 2.48
C GLU B 30 -9.82 -23.89 1.35
N MET B 31 -8.76 -24.14 0.58
CA MET B 31 -8.40 -23.22 -0.50
C MET B 31 -9.45 -23.22 -1.60
N THR B 32 -9.98 -24.39 -1.97
CA THR B 32 -10.97 -24.44 -3.05
C THR B 32 -12.25 -23.71 -2.64
N LYS B 33 -12.74 -23.99 -1.43
CA LYS B 33 -14.00 -23.39 -0.98
C LYS B 33 -13.86 -21.89 -0.76
N ARG B 34 -12.76 -21.46 -0.12
CA ARG B 34 -12.60 -20.03 0.14
C ARG B 34 -12.35 -19.28 -1.15
N PHE B 35 -11.56 -19.84 -2.07
CA PHE B 35 -11.39 -19.18 -3.36
C PHE B 35 -12.73 -18.97 -4.05
N ASN B 36 -13.56 -20.01 -4.08
CA ASN B 36 -14.79 -19.90 -4.85
C ASN B 36 -15.79 -19.00 -4.14
N ASP B 37 -15.92 -19.13 -2.82
CA ASP B 37 -16.85 -18.27 -2.07
C ASP B 37 -16.47 -16.81 -2.24
N THR B 38 -15.18 -16.51 -2.13
CA THR B 38 -14.72 -15.12 -2.28
C THR B 38 -14.91 -14.63 -3.70
N PHE B 39 -14.63 -15.47 -4.69
CA PHE B 39 -14.84 -15.09 -6.09
C PHE B 39 -16.29 -14.70 -6.33
N VAL B 40 -17.22 -15.48 -5.79
CA VAL B 40 -18.64 -15.17 -5.96
C VAL B 40 -18.97 -13.80 -5.35
N GLN B 41 -18.40 -13.51 -4.18
CA GLN B 41 -18.68 -12.22 -3.55
C GLN B 41 -18.07 -11.06 -4.32
N ILE B 42 -16.81 -11.21 -4.76
CA ILE B 42 -16.21 -10.15 -5.57
C ILE B 42 -17.00 -9.91 -6.85
N ARG B 43 -17.35 -10.98 -7.54
CA ARG B 43 -18.15 -10.87 -8.75
C ARG B 43 -19.46 -10.11 -8.50
N SER B 44 -20.04 -10.26 -7.30
CA SER B 44 -21.33 -9.64 -7.02
C SER B 44 -21.27 -8.11 -7.02
N HIS B 45 -20.07 -7.55 -6.79
CA HIS B 45 -19.83 -6.10 -6.74
C HIS B 45 -19.28 -5.54 -8.04
N PHE B 46 -18.67 -6.38 -8.89
CA PHE B 46 -17.73 -5.90 -9.92
C PHE B 46 -18.42 -5.00 -10.94
N ASP B 47 -19.58 -5.43 -11.45
CA ASP B 47 -20.25 -4.62 -12.47
C ASP B 47 -20.60 -3.24 -11.94
N GLN B 48 -21.11 -3.17 -10.70
CA GLN B 48 -21.50 -1.88 -10.14
C GLN B 48 -20.29 -0.97 -9.93
N VAL B 49 -19.17 -1.50 -9.39
CA VAL B 49 -17.98 -0.69 -9.16
C VAL B 49 -17.42 -0.21 -10.49
N PHE B 50 -17.36 -1.11 -11.48
CA PHE B 50 -16.91 -0.74 -12.83
C PHE B 50 -17.73 0.43 -13.37
N ARG B 51 -19.05 0.32 -13.28
CA ARG B 51 -19.91 1.36 -13.85
C ARG B 51 -19.74 2.68 -13.11
N SER B 52 -19.53 2.64 -11.79
CA SER B 52 -19.30 3.87 -11.05
C SER B 52 -18.01 4.57 -11.50
N LEU B 53 -16.96 3.79 -11.76
CA LEU B 53 -15.68 4.37 -12.19
C LEU B 53 -15.67 4.83 -13.65
N PHE B 54 -16.33 4.09 -14.53
CA PHE B 54 -16.33 4.46 -15.95
C PHE B 54 -17.48 5.40 -16.31
N GLY B 55 -18.47 5.57 -15.43
CA GLY B 55 -19.63 6.36 -15.81
C GLY B 55 -20.59 5.65 -16.73
N GLY B 56 -20.57 4.32 -16.76
CA GLY B 56 -21.43 3.54 -17.62
C GLY B 56 -20.74 2.24 -17.99
N GLY B 57 -21.20 1.64 -19.08
CA GLY B 57 -20.66 0.37 -19.50
C GLY B 57 -21.16 -0.79 -18.66
N ARG B 58 -20.43 -1.91 -18.71
CA ARG B 58 -20.73 -3.10 -17.91
C ARG B 58 -19.49 -3.99 -17.87
N ALA B 59 -19.44 -4.92 -16.91
CA ALA B 59 -18.27 -5.78 -16.85
C ALA B 59 -18.62 -7.08 -16.14
N GLU B 60 -17.80 -8.11 -16.36
CA GLU B 60 -18.05 -9.45 -15.82
C GLU B 60 -16.74 -10.13 -15.44
N LEU B 61 -16.82 -11.00 -14.44
CA LEU B 61 -15.76 -11.92 -14.06
C LEU B 61 -16.21 -13.36 -14.37
N ARG B 62 -15.29 -14.17 -14.88
CA ARG B 62 -15.61 -15.54 -15.27
C ARG B 62 -14.43 -16.45 -14.94
N LEU B 63 -14.71 -17.61 -14.35
CA LEU B 63 -13.64 -18.56 -14.10
C LEU B 63 -13.23 -19.23 -15.41
N THR B 64 -11.92 -19.27 -15.68
CA THR B 64 -11.42 -19.92 -16.90
C THR B 64 -11.79 -21.40 -16.91
N ASP B 65 -11.70 -22.06 -15.76
CA ASP B 65 -12.04 -23.49 -15.64
C ASP B 65 -12.81 -23.68 -14.34
N PRO B 66 -14.14 -23.59 -14.40
CA PRO B 66 -14.95 -23.69 -13.16
C PRO B 66 -14.83 -25.03 -12.46
N ASN B 67 -14.36 -26.07 -13.14
CA ASN B 67 -14.23 -27.38 -12.54
C ASN B 67 -12.86 -27.65 -11.95
N ASP B 68 -11.97 -26.66 -11.99
CA ASP B 68 -10.65 -26.76 -11.38
C ASP B 68 -10.47 -25.57 -10.45
N LEU B 69 -11.18 -25.60 -9.31
CA LEU B 69 -11.14 -24.44 -8.42
C LEU B 69 -9.81 -24.28 -7.71
N LEU B 70 -8.88 -25.22 -7.85
CA LEU B 70 -7.54 -25.01 -7.28
C LEU B 70 -6.62 -24.22 -8.19
N HIS B 71 -6.82 -24.28 -9.50
CA HIS B 71 -5.88 -23.66 -10.43
C HIS B 71 -6.52 -22.70 -11.42
N SER B 72 -7.84 -22.62 -11.50
CA SER B 72 -8.50 -21.81 -12.53
C SER B 72 -8.02 -20.36 -12.50
N GLY B 73 -7.80 -19.80 -13.69
CA GLY B 73 -7.63 -18.37 -13.84
C GLY B 73 -8.97 -17.66 -13.77
N VAL B 74 -8.92 -16.33 -13.83
CA VAL B 74 -10.13 -15.51 -13.88
C VAL B 74 -10.05 -14.65 -15.12
N GLU B 75 -11.06 -14.78 -15.99
CA GLU B 75 -11.24 -13.93 -17.15
C GLU B 75 -12.02 -12.69 -16.77
N ILE B 76 -11.58 -11.53 -17.27
CA ILE B 76 -12.25 -10.26 -17.05
C ILE B 76 -12.71 -9.75 -18.41
N ILE B 77 -14.01 -9.52 -18.54
CA ILE B 77 -14.60 -9.06 -19.79
C ILE B 77 -15.31 -7.75 -19.50
N ALA B 78 -14.97 -6.69 -20.25
CA ALA B 78 -15.46 -5.40 -19.82
C ALA B 78 -15.82 -4.56 -21.03
N GLN B 79 -16.81 -3.69 -20.84
CA GLN B 79 -17.29 -2.81 -21.91
C GLN B 79 -17.27 -1.38 -21.39
N PRO B 80 -16.18 -0.65 -21.62
CA PRO B 80 -16.18 0.77 -21.31
C PRO B 80 -17.28 1.46 -22.12
N PRO B 81 -17.93 2.47 -21.57
CA PRO B 81 -19.04 3.11 -22.30
C PRO B 81 -18.54 3.68 -23.61
N GLY B 82 -19.28 3.41 -24.68
CA GLY B 82 -18.91 3.82 -26.01
C GLY B 82 -18.02 2.85 -26.74
N LYS B 83 -17.64 1.74 -26.12
CA LYS B 83 -16.77 0.75 -26.73
C LYS B 83 -17.47 -0.60 -26.78
N LYS B 84 -16.79 -1.56 -27.42
CA LYS B 84 -17.26 -2.93 -27.46
C LYS B 84 -16.93 -3.68 -26.18
N LEU B 85 -17.74 -4.69 -25.88
CA LEU B 85 -17.44 -5.64 -24.82
C LEU B 85 -16.30 -6.56 -25.26
N GLN B 86 -15.19 -6.55 -24.51
CA GLN B 86 -14.01 -7.30 -24.89
C GLN B 86 -13.28 -7.86 -23.68
N ASN B 87 -12.47 -8.88 -23.93
CA ASN B 87 -11.53 -9.33 -22.92
C ASN B 87 -10.63 -8.18 -22.50
N LEU B 88 -10.28 -8.13 -21.21
CA LEU B 88 -9.43 -7.09 -20.68
C LEU B 88 -8.10 -6.98 -21.45
N ASN B 89 -7.61 -8.11 -21.95
CA ASN B 89 -6.40 -8.11 -22.78
C ASN B 89 -6.47 -7.16 -23.98
N LEU B 90 -7.66 -6.81 -24.47
CA LEU B 90 -7.77 -6.00 -25.68
C LEU B 90 -8.17 -4.56 -25.42
N LEU B 91 -8.39 -4.16 -24.18
CA LEU B 91 -8.79 -2.79 -23.88
C LEU B 91 -7.58 -1.85 -23.90
N SER B 92 -7.84 -0.54 -23.90
CA SER B 92 -6.77 0.44 -23.95
C SER B 92 -5.97 0.44 -22.65
N GLY B 93 -4.81 1.10 -22.66
CA GLY B 93 -4.00 1.13 -21.44
C GLY B 93 -4.74 1.79 -20.27
N GLY B 94 -5.45 2.88 -20.56
CA GLY B 94 -6.19 3.57 -19.51
C GLY B 94 -7.41 2.78 -19.07
N GLU B 95 -8.07 2.11 -20.01
CA GLU B 95 -9.22 1.28 -19.66
C GLU B 95 -8.78 0.09 -18.82
N ARG B 96 -7.63 -0.48 -19.16
CA ARG B 96 -7.11 -1.61 -18.39
C ARG B 96 -6.81 -1.20 -16.96
N ALA B 97 -6.08 -0.09 -16.78
CA ALA B 97 -5.79 0.41 -15.43
C ALA B 97 -7.07 0.62 -14.62
N LEU B 98 -8.07 1.30 -15.19
CA LEU B 98 -9.28 1.60 -14.42
C LEU B 98 -10.04 0.32 -14.11
N THR B 99 -10.07 -0.65 -15.03
CA THR B 99 -10.72 -1.93 -14.74
C THR B 99 -10.00 -2.68 -13.62
N ALA B 100 -8.66 -2.65 -13.60
CA ALA B 100 -7.96 -3.26 -12.46
C ALA B 100 -8.33 -2.58 -11.15
N ILE B 101 -8.44 -1.25 -11.18
CA ILE B 101 -8.88 -0.51 -9.97
C ILE B 101 -10.31 -0.92 -9.58
N ALA B 102 -11.16 -1.15 -10.58
CA ALA B 102 -12.53 -1.60 -10.27
C ALA B 102 -12.50 -2.95 -9.57
N LEU B 103 -11.61 -3.85 -9.98
CA LEU B 103 -11.48 -5.13 -9.28
C LEU B 103 -10.97 -4.93 -7.86
N LEU B 104 -9.92 -4.09 -7.70
CA LEU B 104 -9.38 -3.83 -6.37
C LEU B 104 -10.43 -3.22 -5.44
N PHE B 105 -11.22 -2.28 -5.96
CA PHE B 105 -12.25 -1.68 -5.11
C PHE B 105 -13.40 -2.64 -4.85
N SER B 106 -13.68 -3.57 -5.77
CA SER B 106 -14.65 -4.63 -5.46
C SER B 106 -14.13 -5.55 -4.37
N ILE B 107 -12.83 -5.86 -4.41
CA ILE B 107 -12.24 -6.65 -3.33
C ILE B 107 -12.36 -5.93 -2.00
N LEU B 108 -12.20 -4.61 -1.98
CA LEU B 108 -12.36 -3.86 -0.72
C LEU B 108 -13.78 -3.94 -0.17
N LYS B 109 -14.78 -4.07 -1.03
CA LYS B 109 -16.13 -4.29 -0.52
C LYS B 109 -16.28 -5.65 0.12
N VAL B 110 -15.55 -6.66 -0.36
CA VAL B 110 -15.64 -8.02 0.19
C VAL B 110 -14.75 -8.17 1.43
N ARG B 111 -13.59 -7.52 1.45
CA ARG B 111 -12.58 -7.65 2.51
C ARG B 111 -12.19 -6.26 2.97
N PRO B 112 -13.07 -5.58 3.70
CA PRO B 112 -12.85 -4.17 4.01
C PRO B 112 -11.68 -4.00 4.95
N VAL B 113 -11.12 -2.79 4.90
CA VAL B 113 -9.98 -2.40 5.73
C VAL B 113 -10.34 -1.05 6.33
N PRO B 114 -9.85 -0.73 7.53
CA PRO B 114 -10.16 0.58 8.12
C PRO B 114 -9.44 1.72 7.45
N PHE B 115 -8.27 1.47 6.87
CA PHE B 115 -7.51 2.48 6.16
C PHE B 115 -6.92 1.84 4.92
N CYS B 116 -6.68 2.65 3.91
CA CYS B 116 -6.14 2.14 2.67
C CYS B 116 -5.17 3.16 2.11
N VAL B 117 -3.90 2.77 2.00
CA VAL B 117 -2.88 3.62 1.37
C VAL B 117 -2.84 3.27 -0.11
N LEU B 118 -3.20 4.23 -0.96
CA LEU B 118 -3.16 4.08 -2.41
C LEU B 118 -1.93 4.82 -2.91
N ASP B 119 -0.94 4.08 -3.38
CA ASP B 119 0.31 4.71 -3.81
C ASP B 119 0.31 4.82 -5.32
N GLN B 120 -0.15 5.97 -5.81
CA GLN B 120 -0.14 6.31 -7.23
C GLN B 120 -0.78 5.21 -8.08
N VAL B 121 -1.87 4.63 -7.57
CA VAL B 121 -2.50 3.52 -8.28
C VAL B 121 -3.16 3.96 -9.57
N GLU B 122 -3.48 5.24 -9.70
CA GLU B 122 -4.24 5.76 -10.83
C GLU B 122 -3.33 6.49 -11.83
N ALA B 123 -2.02 6.25 -11.74
CA ALA B 123 -1.05 6.89 -12.62
C ALA B 123 -1.40 6.68 -14.10
N ALA B 124 -1.95 5.51 -14.45
CA ALA B 124 -2.16 5.19 -15.86
C ALA B 124 -3.55 5.53 -16.37
N LEU B 125 -4.42 6.13 -15.55
CA LEU B 125 -5.77 6.45 -16.02
C LEU B 125 -5.73 7.50 -17.12
N ASP B 126 -6.66 7.36 -18.07
CA ASP B 126 -6.98 8.48 -18.94
C ASP B 126 -7.44 9.66 -18.09
N GLU B 127 -7.00 10.87 -18.45
CA GLU B 127 -7.37 12.06 -17.68
C GLU B 127 -8.89 12.17 -17.48
N ALA B 128 -9.69 11.79 -18.48
CA ALA B 128 -11.14 11.98 -18.38
C ALA B 128 -11.81 11.10 -17.33
N ASN B 129 -11.12 10.04 -16.86
CA ASN B 129 -11.65 9.14 -15.85
C ASN B 129 -11.21 9.49 -14.44
N VAL B 130 -10.28 10.43 -14.26
CA VAL B 130 -9.75 10.68 -12.92
C VAL B 130 -10.84 11.18 -11.98
N PHE B 131 -11.76 12.01 -12.50
CA PHE B 131 -12.70 12.63 -11.56
C PHE B 131 -13.61 11.58 -10.93
N ARG B 132 -14.02 10.56 -11.68
CA ARG B 132 -14.88 9.54 -11.09
C ARG B 132 -14.11 8.65 -10.11
N PHE B 133 -12.83 8.43 -10.39
CA PHE B 133 -11.98 7.73 -9.43
C PHE B 133 -11.88 8.55 -8.15
N ALA B 134 -11.66 9.85 -8.28
CA ALA B 134 -11.54 10.71 -7.10
C ALA B 134 -12.86 10.83 -6.36
N GLN B 135 -13.98 10.90 -7.10
CA GLN B 135 -15.27 10.96 -6.44
C GLN B 135 -15.59 9.67 -5.71
N TYR B 136 -15.15 8.53 -6.26
CA TYR B 136 -15.33 7.24 -5.59
C TYR B 136 -14.65 7.25 -4.23
N LEU B 137 -13.42 7.76 -4.17
CA LEU B 137 -12.68 7.83 -2.92
C LEU B 137 -13.41 8.68 -1.89
N LYS B 138 -13.84 9.87 -2.31
CA LYS B 138 -14.60 10.75 -1.42
C LYS B 138 -15.85 10.06 -0.91
N LYS B 139 -16.61 9.43 -1.81
CA LYS B 139 -17.85 8.79 -1.41
C LYS B 139 -17.61 7.72 -0.35
N TYR B 140 -16.59 6.89 -0.54
CA TYR B 140 -16.38 5.75 0.34
C TYR B 140 -15.39 6.04 1.46
N SER B 141 -14.90 7.28 1.56
CA SER B 141 -14.04 7.66 2.67
C SER B 141 -14.79 7.71 4.00
N SER B 142 -16.12 7.61 3.99
CA SER B 142 -16.87 7.51 5.24
C SER B 142 -16.65 6.16 5.90
N ASP B 143 -16.33 5.12 5.13
CA ASP B 143 -16.12 3.79 5.65
C ASP B 143 -14.67 3.33 5.60
N THR B 144 -13.82 4.01 4.83
CA THR B 144 -12.40 3.67 4.74
C THR B 144 -11.59 4.95 4.73
N GLN B 145 -10.62 5.08 5.65
CA GLN B 145 -9.72 6.21 5.61
C GLN B 145 -8.73 6.04 4.46
N PHE B 146 -8.69 6.99 3.52
CA PHE B 146 -7.85 6.88 2.34
C PHE B 146 -6.65 7.80 2.45
N ILE B 147 -5.45 7.24 2.31
CA ILE B 147 -4.20 7.98 2.25
C ILE B 147 -3.67 7.78 0.84
N VAL B 148 -3.66 8.85 0.05
CA VAL B 148 -3.53 8.74 -1.41
C VAL B 148 -2.26 9.48 -1.84
N ILE B 149 -1.21 8.74 -2.19
CA ILE B 149 -0.09 9.32 -2.92
C ILE B 149 -0.49 9.49 -4.37
N THR B 150 -0.36 10.71 -4.90
CA THR B 150 -0.89 10.95 -6.25
C THR B 150 -0.15 12.07 -6.96
N HIS B 151 -0.08 11.95 -8.29
CA HIS B 151 0.36 13.04 -9.14
C HIS B 151 -0.72 13.46 -10.15
N ARG B 152 -1.97 13.07 -9.91
CA ARG B 152 -3.10 13.45 -10.77
C ARG B 152 -3.89 14.57 -10.09
N LYS B 153 -4.04 15.69 -10.79
CA LYS B 153 -4.68 16.86 -10.18
C LYS B 153 -6.12 16.58 -9.76
N GLY B 154 -6.85 15.79 -10.55
CA GLY B 154 -8.24 15.53 -10.23
C GLY B 154 -8.42 14.77 -8.92
N THR B 155 -7.47 13.88 -8.62
CA THR B 155 -7.47 13.19 -7.34
C THR B 155 -7.25 14.16 -6.19
N MET B 156 -6.32 15.09 -6.36
CA MET B 156 -6.05 16.07 -5.31
C MET B 156 -7.27 16.95 -5.03
N GLU B 157 -8.02 17.28 -6.08
CA GLU B 157 -9.17 18.17 -5.92
C GLU B 157 -10.26 17.58 -5.03
N GLU B 158 -10.29 16.27 -4.84
CA GLU B 158 -11.27 15.64 -3.98
C GLU B 158 -10.73 15.30 -2.61
N ALA B 159 -9.46 15.57 -2.33
CA ALA B 159 -8.92 15.27 -1.02
C ALA B 159 -9.45 16.26 0.01
N ASP B 160 -9.38 15.85 1.27
CA ASP B 160 -9.73 16.75 2.36
C ASP B 160 -8.57 17.67 2.71
N VAL B 161 -7.34 17.13 2.73
CA VAL B 161 -6.13 17.91 2.96
C VAL B 161 -5.04 17.42 2.02
N LEU B 162 -4.04 18.27 1.80
CA LEU B 162 -2.87 17.94 1.00
C LEU B 162 -1.61 18.04 1.85
N TYR B 163 -0.77 17.02 1.80
CA TYR B 163 0.60 17.11 2.28
C TYR B 163 1.50 17.17 1.06
N GLY B 164 2.32 18.22 0.98
CA GLY B 164 3.26 18.40 -0.09
C GLY B 164 4.67 18.05 0.36
N VAL B 165 5.31 17.16 -0.39
CA VAL B 165 6.65 16.68 -0.08
C VAL B 165 7.58 17.14 -1.20
N THR B 166 8.59 17.92 -0.85
CA THR B 166 9.49 18.47 -1.85
C THR B 166 10.87 18.67 -1.23
N MET B 167 11.90 18.57 -2.05
CA MET B 167 13.28 18.69 -1.60
C MET B 167 13.75 20.12 -1.81
N GLN B 168 13.58 20.95 -0.79
CA GLN B 168 14.11 22.32 -0.84
C GLN B 168 15.63 22.30 -0.91
N GLU B 169 16.28 21.70 0.09
CA GLU B 169 17.70 21.40 -0.02
C GLU B 169 17.86 19.99 -0.56
N SER B 170 18.85 19.81 -1.44
CA SER B 170 19.00 18.57 -2.19
C SER B 170 19.04 17.36 -1.26
N GLY B 171 18.23 16.36 -1.58
CA GLY B 171 18.20 15.11 -0.84
C GLY B 171 17.36 15.10 0.41
N VAL B 172 16.84 16.24 0.86
CA VAL B 172 16.15 16.34 2.15
C VAL B 172 14.71 16.79 1.89
N SER B 173 13.76 15.90 2.19
CA SER B 173 12.36 16.18 1.95
C SER B 173 11.81 17.15 3.00
N LYS B 174 11.18 18.21 2.54
CA LYS B 174 10.42 19.10 3.40
C LYS B 174 8.93 18.85 3.18
N VAL B 175 8.15 19.02 4.25
CA VAL B 175 6.72 18.74 4.22
C VAL B 175 5.95 19.97 4.65
N ILE B 176 5.02 20.40 3.80
CA ILE B 176 4.06 21.44 4.15
C ILE B 176 2.65 20.87 3.92
N SER B 177 1.65 21.58 4.43
CA SER B 177 0.31 21.02 4.46
C SER B 177 -0.71 22.14 4.35
N VAL B 178 -1.82 21.83 3.68
CA VAL B 178 -2.94 22.76 3.58
C VAL B 178 -4.23 21.97 3.56
N LYS B 179 -5.24 22.49 4.25
CA LYS B 179 -6.57 21.92 4.21
C LYS B 179 -7.33 22.48 3.03
N LEU B 180 -7.99 21.61 2.27
CA LEU B 180 -8.99 22.04 1.31
C LEU B 180 -10.37 22.04 1.91
N GLU B 181 -10.57 21.30 3.00
CA GLU B 181 -11.84 21.25 3.69
C GLU B 181 -11.67 21.40 5.20
N PRO C 9 0.04 21.48 -16.06
CA PRO C 9 1.08 22.51 -16.14
C PRO C 9 1.05 23.45 -14.94
N ILE C 10 2.21 23.73 -14.36
CA ILE C 10 2.29 24.55 -13.17
C ILE C 10 3.30 25.66 -13.40
N GLU C 11 4.04 25.59 -14.51
CA GLU C 11 5.04 26.61 -14.80
C GLU C 11 4.39 27.98 -14.98
N ALA C 12 3.23 28.03 -15.64
CA ALA C 12 2.51 29.29 -15.76
C ALA C 12 2.13 29.84 -14.40
N ARG C 13 1.68 28.97 -13.49
CA ARG C 13 1.43 29.40 -12.12
C ARG C 13 2.71 29.86 -11.45
N MET C 14 3.78 29.05 -11.56
CA MET C 14 5.06 29.41 -10.97
C MET C 14 5.51 30.79 -11.38
N ASN C 15 5.28 31.15 -12.66
CA ASN C 15 5.54 32.50 -13.13
C ASN C 15 4.88 33.53 -12.23
N GLU C 16 3.57 33.39 -12.04
CA GLU C 16 2.79 34.38 -11.30
C GLU C 16 3.24 34.53 -9.86
N ILE C 17 3.69 33.43 -9.21
CA ILE C 17 4.15 33.54 -7.83
C ILE C 17 5.46 34.32 -7.76
N VAL C 18 6.41 34.00 -8.64
CA VAL C 18 7.67 34.74 -8.68
C VAL C 18 7.41 36.21 -8.94
N HIS C 19 6.53 36.51 -9.91
CA HIS C 19 6.19 37.89 -10.21
C HIS C 19 5.50 38.57 -9.03
N SER C 20 4.54 37.90 -8.41
CA SER C 20 3.88 38.46 -7.23
C SER C 20 4.81 38.55 -6.03
N LEU C 21 5.91 37.79 -6.04
CA LEU C 21 6.90 37.90 -4.98
C LEU C 21 7.77 39.13 -5.16
N LYS C 22 8.04 39.53 -6.41
CA LYS C 22 8.88 40.70 -6.66
C LYS C 22 8.10 41.99 -6.47
N SER C 23 6.82 42.01 -6.87
CA SER C 23 5.97 43.18 -6.64
C SER C 23 5.92 43.52 -5.15
N ARG C 24 5.52 42.56 -4.32
CA ARG C 24 5.66 42.73 -2.88
C ARG C 24 7.14 42.73 -2.51
N GLY C 25 7.43 43.22 -1.31
CA GLY C 25 8.81 43.36 -0.90
C GLY C 25 9.28 42.26 0.02
N THR C 26 8.37 41.69 0.81
CA THR C 26 8.76 40.72 1.83
C THR C 26 7.88 39.47 1.79
N ARG C 27 7.40 39.06 2.97
CA ARG C 27 6.55 37.89 3.16
C ARG C 27 5.29 37.92 2.31
N ILE C 28 4.65 36.76 2.17
CA ILE C 28 3.28 36.66 1.67
C ILE C 28 2.66 35.42 2.30
N ASN C 29 1.47 35.58 2.87
CA ASN C 29 0.68 34.43 3.29
C ASN C 29 0.21 33.67 2.05
N PHE C 30 0.26 32.34 2.13
CA PHE C 30 -0.13 31.52 0.99
C PHE C 30 -1.56 31.83 0.55
N MET C 31 -2.48 31.97 1.51
CA MET C 31 -3.86 32.27 1.19
C MET C 31 -4.01 33.63 0.51
N ASP C 32 -3.03 34.51 0.66
CA ASP C 32 -3.06 35.83 0.04
C ASP C 32 -2.35 35.90 -1.29
N LEU C 33 -1.52 34.89 -1.61
CA LEU C 33 -0.83 34.83 -2.89
C LEU C 33 -1.78 35.10 -4.06
N PHE C 34 -3.03 34.67 -3.92
CA PHE C 34 -4.07 34.94 -4.90
C PHE C 34 -5.29 35.43 -4.14
N PRO C 35 -5.89 36.57 -4.55
CA PRO C 35 -7.01 37.17 -3.79
C PRO C 35 -8.04 36.17 -3.32
N TYR C 36 -8.68 35.47 -4.26
CA TYR C 36 -9.53 34.34 -3.91
C TYR C 36 -9.20 33.17 -4.82
N GLU C 37 -9.23 31.97 -4.25
CA GLU C 37 -8.85 30.76 -4.96
C GLU C 37 -9.92 29.70 -4.78
N GLN C 38 -10.41 29.17 -5.90
CA GLN C 38 -11.25 27.99 -5.85
C GLN C 38 -10.37 26.74 -5.65
N LYS C 39 -11.02 25.66 -5.21
CA LYS C 39 -10.30 24.44 -4.84
C LYS C 39 -9.35 23.98 -5.95
N GLU C 40 -9.79 24.08 -7.21
CA GLU C 40 -8.93 23.70 -8.33
C GLU C 40 -7.73 24.62 -8.43
N HIS C 41 -7.93 25.92 -8.21
CA HIS C 41 -6.83 26.88 -8.27
C HIS C 41 -5.85 26.66 -7.12
N LEU C 42 -6.36 26.40 -5.92
CA LEU C 42 -5.50 26.19 -4.75
C LEU C 42 -4.53 25.05 -4.99
N VAL C 43 -5.00 23.95 -5.58
CA VAL C 43 -4.15 22.79 -5.80
C VAL C 43 -2.95 23.16 -6.68
N VAL C 44 -3.21 23.85 -7.79
CA VAL C 44 -2.12 24.18 -8.71
C VAL C 44 -1.15 25.15 -8.07
N THR C 45 -1.66 26.12 -7.32
CA THR C 45 -0.78 27.01 -6.56
C THR C 45 0.09 26.21 -5.59
N PHE C 46 -0.53 25.31 -4.84
CA PHE C 46 0.21 24.48 -3.89
C PHE C 46 1.32 23.70 -4.61
N LEU C 47 0.99 23.08 -5.74
CA LEU C 47 2.02 22.37 -6.51
C LEU C 47 3.08 23.31 -7.04
N ALA C 48 2.69 24.54 -7.41
CA ALA C 48 3.65 25.52 -7.89
C ALA C 48 4.65 25.87 -6.79
N VAL C 49 4.16 26.11 -5.57
CA VAL C 49 5.04 26.46 -4.46
C VAL C 49 6.02 25.34 -4.17
N LEU C 50 5.54 24.09 -4.16
CA LEU C 50 6.44 22.96 -3.95
C LEU C 50 7.52 22.91 -5.02
N GLU C 51 7.16 23.20 -6.27
CA GLU C 51 8.16 23.18 -7.34
C GLU C 51 9.14 24.33 -7.19
N LEU C 52 8.66 25.51 -6.78
CA LEU C 52 9.56 26.64 -6.55
C LEU C 52 10.52 26.35 -5.40
N MET C 53 10.02 25.68 -4.36
CA MET C 53 10.90 25.23 -3.28
C MET C 53 11.99 24.31 -3.80
N LYS C 54 11.64 23.42 -4.75
CA LYS C 54 12.61 22.47 -5.27
C LYS C 54 13.66 23.17 -6.13
N ASN C 55 13.31 24.26 -6.78
CA ASN C 55 14.25 25.03 -7.59
C ASN C 55 14.94 26.13 -6.80
N GLN C 56 14.84 26.10 -5.47
CA GLN C 56 15.59 27.01 -4.59
C GLN C 56 15.30 28.47 -4.91
N LEU C 57 14.05 28.77 -5.27
CA LEU C 57 13.64 30.13 -5.58
C LEU C 57 12.74 30.75 -4.53
N VAL C 58 12.23 29.97 -3.58
CA VAL C 58 11.28 30.46 -2.59
C VAL C 58 11.65 29.86 -1.24
N LEU C 59 11.52 30.65 -0.18
CA LEU C 59 11.66 30.18 1.19
C LEU C 59 10.27 30.05 1.82
N ILE C 60 10.05 28.94 2.52
CA ILE C 60 8.76 28.61 3.11
C ILE C 60 8.93 28.45 4.61
N GLU C 61 7.93 28.92 5.36
CA GLU C 61 7.88 28.73 6.80
C GLU C 61 6.47 28.30 7.19
N GLN C 62 6.37 27.25 8.00
CA GLN C 62 5.10 26.79 8.54
C GLN C 62 5.36 26.20 9.91
N GLU C 63 4.58 26.62 10.90
CA GLU C 63 4.85 26.24 12.29
C GLU C 63 4.37 24.82 12.58
N HIS C 64 3.11 24.53 12.31
CA HIS C 64 2.55 23.20 12.50
C HIS C 64 1.77 22.80 11.26
N ASN C 65 1.34 21.54 11.23
CA ASN C 65 0.48 21.07 10.16
C ASN C 65 -0.77 21.94 10.09
N PHE C 66 -1.08 22.41 8.88
CA PHE C 66 -2.27 23.19 8.55
C PHE C 66 -2.26 24.59 9.16
N SER C 67 -1.14 25.02 9.73
CA SER C 67 -0.99 26.42 10.09
C SER C 67 -0.71 27.23 8.82
N ASP C 68 -0.78 28.56 8.97
CA ASP C 68 -0.56 29.43 7.82
C ASP C 68 0.86 29.25 7.28
N ILE C 69 0.99 29.41 5.96
CA ILE C 69 2.25 29.22 5.25
C ILE C 69 2.71 30.57 4.71
N TYR C 70 3.95 30.93 5.01
CA TYR C 70 4.51 32.21 4.59
C TYR C 70 5.59 31.99 3.55
N ILE C 71 5.52 32.77 2.46
CA ILE C 71 6.35 32.59 1.28
C ILE C 71 7.28 33.79 1.16
N THR C 72 8.54 33.53 0.83
CA THR C 72 9.53 34.58 0.63
C THR C 72 10.46 34.20 -0.51
N GLY C 73 10.73 35.16 -1.39
CA GLY C 73 11.67 34.93 -2.47
C GLY C 73 13.09 34.74 -1.96
N SER C 74 13.93 34.16 -2.81
CA SER C 74 15.29 33.80 -2.43
C SER C 74 16.35 34.69 -3.05
N GLU C 75 16.17 35.13 -4.30
CA GLU C 75 17.13 35.96 -5.01
C GLU C 75 18.49 35.25 -5.17
#